data_3BFV
#
_entry.id   3BFV
#
_cell.length_a   36.460
_cell.length_b   52.520
_cell.length_c   68.110
_cell.angle_alpha   107.71
_cell.angle_beta   89.95
_cell.angle_gamma   110.32
#
_symmetry.space_group_name_H-M   'P 1'
#
loop_
_entity.id
_entity.type
_entity.pdbx_description
1 polymer 'Membrane protein CapA1, Protein tyrosine kinase,Protein tyrosine kinase'
2 non-polymer 'MAGNESIUM ION'
3 non-polymer "ADENOSINE-5'-DIPHOSPHATE"
4 water water
#
_entity_poly.entity_id   1
_entity_poly.type   'polypeptide(L)'
_entity_poly.pdbx_seq_one_letter_code
;MRGSHHHHHHGSVIFDKRIKDEEDVEKELGLPVLGSIQKFNMTNTRRSTSSLIVHEQPKSPISEKFRGIRSNIMFANPDS
AVQSIVITSEAPGAGKSTIAANLAVAYAQAGYKTLIVDGDMRKPTQHYIFNLPNNEGLSSLLLNWSTYQDSIISTEIEDL
DVLTSGPIPPNPSELITSRAFANLYDTLLMNYNFVIIDTPPVNTVTDAQLFSKFTGNVVYVVNSENNNKDEVKKGKELIE
ATGAKLLGVVLNRMPKDKSASYYAYYGTDES
;
_entity_poly.pdbx_strand_id   A,B
#
loop_
_chem_comp.id
_chem_comp.type
_chem_comp.name
_chem_comp.formula
ADP non-polymer ADENOSINE-5'-DIPHOSPHATE 'C10 H15 N5 O10 P2'
MG non-polymer 'MAGNESIUM ION' 'Mg 2'
#
# COMPACT_ATOMS: atom_id res chain seq x y z
N ASP A 16 -3.01 38.95 -23.25
CA ASP A 16 -4.44 38.57 -23.42
C ASP A 16 -4.89 37.55 -22.36
N LYS A 17 -4.82 36.26 -22.71
CA LYS A 17 -5.59 35.23 -22.03
C LYS A 17 -4.85 34.44 -20.93
N ARG A 18 -3.80 35.03 -20.36
CA ARG A 18 -3.01 34.37 -19.33
C ARG A 18 -3.65 34.34 -17.95
N ILE A 19 -3.50 33.21 -17.26
CA ILE A 19 -3.57 33.17 -15.81
C ILE A 19 -2.23 33.75 -15.36
N LYS A 20 -2.28 34.94 -14.76
CA LYS A 20 -1.06 35.74 -14.51
C LYS A 20 -0.60 35.71 -13.05
N ASP A 21 -1.54 35.51 -12.13
CA ASP A 21 -1.27 35.69 -10.71
C ASP A 21 -2.28 35.01 -9.81
N GLU A 22 -2.11 35.22 -8.50
CA GLU A 22 -2.96 34.64 -7.46
C GLU A 22 -4.45 34.97 -7.65
N GLU A 23 -4.75 36.23 -7.96
CA GLU A 23 -6.14 36.64 -8.21
C GLU A 23 -6.75 35.85 -9.37
N ASP A 24 -5.99 35.69 -10.46
CA ASP A 24 -6.43 34.93 -11.63
C ASP A 24 -6.72 33.47 -11.30
N VAL A 25 -5.85 32.86 -10.47
CA VAL A 25 -6.05 31.48 -10.05
C VAL A 25 -7.35 31.34 -9.25
N GLU A 26 -7.55 32.22 -8.27
CA GLU A 26 -8.79 32.24 -7.48
C GLU A 26 -10.03 32.47 -8.34
N LYS A 27 -10.00 33.55 -9.15
CA LYS A 27 -11.17 33.97 -9.91
C LYS A 27 -11.47 33.13 -11.14
N GLU A 28 -10.43 32.68 -11.84
CA GLU A 28 -10.62 31.97 -13.11
C GLU A 28 -10.64 30.45 -12.96
N LEU A 29 -9.95 29.94 -11.95
CA LEU A 29 -9.84 28.50 -11.74
C LEU A 29 -10.53 28.02 -10.46
N GLY A 30 -10.77 28.94 -9.53
CA GLY A 30 -11.40 28.59 -8.24
C GLY A 30 -10.58 27.64 -7.39
N LEU A 31 -9.26 27.78 -7.45
CA LEU A 31 -8.33 26.97 -6.68
C LEU A 31 -7.47 27.83 -5.76
N PRO A 32 -6.96 27.25 -4.66
CA PRO A 32 -5.98 27.99 -3.88
C PRO A 32 -4.58 27.93 -4.50
N VAL A 33 -3.75 28.89 -4.14
CA VAL A 33 -2.36 28.92 -4.57
C VAL A 33 -1.54 28.33 -3.42
N LEU A 34 -0.84 27.22 -3.69
CA LEU A 34 0.01 26.57 -2.70
C LEU A 34 1.36 27.27 -2.57
N GLY A 35 1.79 27.91 -3.65
CA GLY A 35 3.06 28.61 -3.65
C GLY A 35 3.26 29.32 -4.97
N SER A 36 4.18 30.27 -4.97
CA SER A 36 4.54 31.01 -6.17
C SER A 36 6.05 30.97 -6.35
N ILE A 37 6.47 30.53 -7.52
CA ILE A 37 7.89 30.42 -7.84
C ILE A 37 8.24 31.46 -8.90
N GLN A 38 9.09 32.41 -8.52
CA GLN A 38 9.55 33.45 -9.45
C GLN A 38 10.41 32.85 -10.55
N LYS A 39 10.48 33.56 -11.68
CA LYS A 39 11.46 33.27 -12.71
C LYS A 39 12.84 33.36 -12.08
N PHE A 40 13.67 32.34 -12.30
CA PHE A 40 14.99 32.26 -11.70
C PHE A 40 15.88 33.42 -12.12
N ASN A 41 16.55 34.02 -11.14
CA ASN A 41 17.59 35.00 -11.42
C ASN A 41 18.73 34.86 -10.41
N MET A 42 19.81 35.63 -10.64
CA MET A 42 21.01 35.57 -9.80
C MET A 42 20.71 35.73 -8.30
N THR A 43 19.71 36.55 -7.98
CA THR A 43 19.41 36.92 -6.59
C THR A 43 18.51 35.89 -5.90
N ASN A 44 17.39 35.53 -6.51
CA ASN A 44 16.44 34.62 -5.86
C ASN A 44 16.92 33.17 -5.78
N THR A 45 17.90 32.82 -6.60
CA THR A 45 18.52 31.48 -6.53
C THR A 45 19.92 31.52 -5.93
N ARG A 46 20.40 32.73 -5.61
CA ARG A 46 21.78 32.91 -5.14
C ARG A 46 22.79 32.22 -6.07
N ARG A 47 22.66 32.52 -7.36
CA ARG A 47 23.55 32.02 -8.41
C ARG A 47 23.73 30.51 -8.44
N SER A 48 22.64 29.77 -8.21
CA SER A 48 22.62 28.33 -8.34
C SER A 48 23.15 27.92 -9.71
N THR A 49 23.99 26.88 -9.72
CA THR A 49 24.58 26.39 -10.97
C THR A 49 23.58 25.58 -11.78
N SER A 50 22.59 24.98 -11.11
CA SER A 50 21.55 24.20 -11.79
C SER A 50 20.15 24.65 -11.40
N SER A 51 19.14 24.02 -12.00
CA SER A 51 17.76 24.31 -11.67
C SER A 51 17.32 23.61 -10.38
N LEU A 52 18.21 22.81 -9.79
CA LEU A 52 17.93 22.16 -8.51
C LEU A 52 18.33 23.10 -7.36
N ILE A 53 17.63 24.21 -7.28
CA ILE A 53 17.92 25.31 -6.34
C ILE A 53 17.91 24.90 -4.88
N VAL A 54 16.93 24.07 -4.50
CA VAL A 54 16.74 23.70 -3.10
C VAL A 54 17.98 22.97 -2.57
N HIS A 55 18.60 22.19 -3.45
CA HIS A 55 19.83 21.48 -3.12
C HIS A 55 21.06 22.38 -3.18
N GLU A 56 21.24 23.07 -4.31
CA GLU A 56 22.48 23.81 -4.55
C GLU A 56 22.58 25.09 -3.72
N GLN A 57 21.44 25.75 -3.51
CA GLN A 57 21.39 26.96 -2.67
C GLN A 57 20.23 26.92 -1.68
N PRO A 58 20.36 26.10 -0.61
CA PRO A 58 19.27 25.85 0.33
C PRO A 58 18.77 27.08 1.12
N LYS A 59 19.57 28.14 1.18
CA LYS A 59 19.17 29.36 1.88
C LYS A 59 18.65 30.48 0.96
N SER A 60 18.56 30.19 -0.34
CA SER A 60 18.03 31.16 -1.30
C SER A 60 16.53 31.43 -1.10
N PRO A 61 16.07 32.64 -1.49
CA PRO A 61 14.64 32.96 -1.51
C PRO A 61 13.76 31.88 -2.18
N ILE A 62 14.18 31.38 -3.34
CA ILE A 62 13.42 30.33 -4.07
C ILE A 62 13.29 29.06 -3.23
N SER A 63 14.38 28.66 -2.59
CA SER A 63 14.37 27.48 -1.72
C SER A 63 13.35 27.63 -0.59
N GLU A 64 13.24 28.82 -0.02
CA GLU A 64 12.24 29.10 1.01
C GLU A 64 10.81 28.88 0.50
N LYS A 65 10.55 29.29 -0.75
CA LYS A 65 9.23 29.10 -1.37
C LYS A 65 8.84 27.63 -1.43
N PHE A 66 9.80 26.76 -1.79
CA PHE A 66 9.52 25.32 -1.87
C PHE A 66 9.27 24.69 -0.49
N ARG A 67 9.97 25.20 0.53
CA ARG A 67 9.72 24.76 1.90
C ARG A 67 8.30 25.13 2.34
N GLY A 68 7.84 26.29 1.89
CA GLY A 68 6.47 26.74 2.18
C GLY A 68 5.42 25.87 1.53
N ILE A 69 5.69 25.42 0.30
CA ILE A 69 4.79 24.51 -0.41
C ILE A 69 4.70 23.20 0.36
N ARG A 70 5.85 22.63 0.72
CA ARG A 70 5.93 21.42 1.54
C ARG A 70 5.12 21.55 2.83
N SER A 71 5.33 22.65 3.57
CA SER A 71 4.61 22.87 4.82
C SER A 71 3.10 23.00 4.60
N ASN A 72 2.72 23.69 3.52
CA ASN A 72 1.31 23.81 3.16
C ASN A 72 0.63 22.45 2.94
N ILE A 73 1.24 21.61 2.10
CA ILE A 73 0.67 20.30 1.79
C ILE A 73 0.51 19.43 3.04
N MET A 74 1.49 19.51 3.95
CA MET A 74 1.52 18.59 5.10
C MET A 74 0.81 19.10 6.36
N PHE A 75 0.60 20.42 6.45
CA PHE A 75 0.10 21.04 7.69
C PHE A 75 -1.06 22.05 7.56
N ALA A 76 -1.35 22.52 6.35
CA ALA A 76 -2.42 23.51 6.15
C ALA A 76 -3.80 22.94 6.48
N ASN A 77 -4.02 21.68 6.10
CA ASN A 77 -5.27 21.00 6.40
C ASN A 77 -5.07 20.02 7.55
N PRO A 78 -5.64 20.33 8.72
CA PRO A 78 -5.58 19.45 9.89
C PRO A 78 -6.07 18.04 9.56
N ASP A 79 -5.40 17.04 10.13
CA ASP A 79 -5.60 15.62 9.83
C ASP A 79 -5.85 15.25 8.35
N SER A 80 -5.25 16.02 7.44
CA SER A 80 -5.04 15.52 6.08
C SER A 80 -3.88 14.54 6.20
N ALA A 81 -3.90 13.50 5.39
CA ALA A 81 -2.84 12.49 5.43
C ALA A 81 -2.33 12.20 4.02
N VAL A 82 -1.71 13.21 3.42
CA VAL A 82 -1.21 13.12 2.04
C VAL A 82 0.04 12.26 1.97
N GLN A 83 -0.07 11.11 1.30
CA GLN A 83 1.04 10.18 1.16
C GLN A 83 1.82 10.39 -0.14
N SER A 84 1.16 10.94 -1.14
CA SER A 84 1.73 11.05 -2.48
C SER A 84 1.01 12.12 -3.28
N ILE A 85 1.70 12.66 -4.28
CA ILE A 85 1.11 13.66 -5.16
C ILE A 85 1.51 13.42 -6.61
N VAL A 86 0.61 13.80 -7.52
CA VAL A 86 0.96 14.00 -8.93
C VAL A 86 1.29 15.46 -9.13
N ILE A 87 2.39 15.72 -9.85
CA ILE A 87 2.70 17.07 -10.31
C ILE A 87 2.39 17.11 -11.80
N THR A 88 1.44 17.96 -12.19
CA THR A 88 1.10 18.09 -13.61
C THR A 88 0.78 19.54 -14.04
N SER A 89 0.50 19.72 -15.32
CA SER A 89 0.19 21.02 -15.90
C SER A 89 -0.67 20.81 -17.14
N GLU A 90 -1.17 21.91 -17.69
CA GLU A 90 -1.99 21.85 -18.90
C GLU A 90 -1.14 21.57 -20.14
N ALA A 91 0.03 22.21 -20.21
CA ALA A 91 0.87 22.21 -21.42
C ALA A 91 2.34 21.94 -21.11
N PRO A 92 3.14 21.60 -22.15
CA PRO A 92 4.58 21.44 -21.98
C PRO A 92 5.24 22.73 -21.51
N GLY A 93 6.34 22.60 -20.77
CA GLY A 93 7.15 23.75 -20.39
C GLY A 93 6.65 24.59 -19.22
N ALA A 94 5.61 24.11 -18.54
CA ALA A 94 5.05 24.84 -17.39
C ALA A 94 6.00 24.88 -16.21
N GLY A 95 6.81 23.83 -16.07
CA GLY A 95 7.72 23.69 -14.93
C GLY A 95 7.41 22.50 -14.03
N LYS A 96 6.67 21.52 -14.56
CA LYS A 96 6.33 20.31 -13.78
C LYS A 96 7.57 19.63 -13.21
N SER A 97 8.53 19.32 -14.09
CA SER A 97 9.72 18.57 -13.67
C SER A 97 10.56 19.34 -12.67
N THR A 98 10.71 20.64 -12.91
CA THR A 98 11.49 21.53 -12.04
C THR A 98 10.83 21.68 -10.66
N ILE A 99 9.51 21.88 -10.64
CA ILE A 99 8.77 21.97 -9.38
C ILE A 99 8.83 20.64 -8.63
N ALA A 100 8.63 19.55 -9.35
CA ALA A 100 8.66 18.22 -8.75
C ALA A 100 10.00 17.92 -8.08
N ALA A 101 11.09 18.19 -8.79
CA ALA A 101 12.44 17.89 -8.29
C ALA A 101 12.77 18.74 -7.06
N ASN A 102 12.51 20.04 -7.14
CA ASN A 102 12.79 20.93 -6.02
C ASN A 102 11.95 20.63 -4.80
N LEU A 103 10.66 20.31 -5.02
CA LEU A 103 9.76 19.93 -3.92
C LEU A 103 10.25 18.66 -3.26
N ALA A 104 10.69 17.68 -4.06
CA ALA A 104 11.25 16.43 -3.54
C ALA A 104 12.45 16.66 -2.61
N VAL A 105 13.38 17.52 -3.04
CA VAL A 105 14.53 17.89 -2.19
C VAL A 105 14.05 18.53 -0.89
N ALA A 106 13.07 19.43 -0.98
CA ALA A 106 12.50 20.09 0.19
C ALA A 106 11.94 19.08 1.19
N TYR A 107 11.20 18.09 0.68
CA TYR A 107 10.70 16.99 1.52
C TYR A 107 11.84 16.21 2.19
N ALA A 108 12.84 15.82 1.40
CA ALA A 108 14.00 15.08 1.93
C ALA A 108 14.76 15.86 3.00
N GLN A 109 14.95 17.16 2.78
CA GLN A 109 15.66 18.00 3.75
C GLN A 109 14.91 18.09 5.08
N ALA A 110 13.58 18.06 5.02
CA ALA A 110 12.74 18.12 6.20
C ALA A 110 12.72 16.79 6.96
N GLY A 111 13.25 15.73 6.35
CA GLY A 111 13.37 14.45 7.02
C GLY A 111 12.37 13.39 6.58
N TYR A 112 11.59 13.67 5.54
CA TYR A 112 10.72 12.65 4.95
C TYR A 112 11.53 11.74 4.04
N LYS A 113 11.39 10.42 4.21
CA LYS A 113 12.00 9.49 3.26
C LYS A 113 11.16 9.61 1.99
N THR A 114 11.78 10.17 0.96
CA THR A 114 11.06 10.66 -0.22
C THR A 114 11.50 9.93 -1.48
N LEU A 115 10.53 9.62 -2.34
CA LEU A 115 10.82 9.13 -3.68
C LEU A 115 10.23 10.08 -4.70
N ILE A 116 11.03 10.48 -5.68
CA ILE A 116 10.45 11.10 -6.88
C ILE A 116 10.46 10.08 -8.01
N VAL A 117 9.27 9.88 -8.61
CA VAL A 117 9.07 8.94 -9.69
C VAL A 117 8.97 9.76 -10.96
N ASP A 118 9.82 9.44 -11.94
CA ASP A 118 9.70 10.09 -13.25
C ASP A 118 8.64 9.36 -14.06
N GLY A 119 7.39 9.79 -13.89
CA GLY A 119 6.26 9.20 -14.62
C GLY A 119 6.01 9.86 -15.96
N ASP A 120 6.95 10.70 -16.41
CA ASP A 120 6.92 11.13 -17.80
C ASP A 120 7.82 10.20 -18.59
N MET A 121 7.23 9.12 -19.10
CA MET A 121 7.94 8.12 -19.86
C MET A 121 7.96 8.44 -21.35
N ARG A 122 7.64 9.70 -21.66
CA ARG A 122 7.62 10.19 -23.05
C ARG A 122 8.75 11.18 -23.29
N LYS A 123 8.82 12.19 -22.43
CA LYS A 123 9.89 13.18 -22.47
C LYS A 123 10.46 13.38 -21.05
N PRO A 124 11.08 12.33 -20.48
CA PRO A 124 11.60 12.41 -19.11
C PRO A 124 12.75 13.40 -18.94
N THR A 125 12.81 14.03 -17.77
CA THR A 125 13.97 14.89 -17.47
C THR A 125 14.55 14.72 -16.06
N GLN A 126 13.96 13.88 -15.23
CA GLN A 126 14.48 13.73 -13.86
C GLN A 126 15.92 13.19 -13.82
N HIS A 127 16.27 12.33 -14.78
CA HIS A 127 17.66 11.83 -14.89
C HIS A 127 18.63 12.95 -15.25
N TYR A 128 18.17 13.93 -16.02
CA TYR A 128 18.97 15.13 -16.32
C TYR A 128 19.13 15.99 -15.07
N ILE A 129 18.02 16.24 -14.38
CA ILE A 129 18.01 17.13 -13.21
C ILE A 129 18.94 16.60 -12.11
N PHE A 130 18.84 15.30 -11.85
CA PHE A 130 19.62 14.67 -10.80
C PHE A 130 20.94 14.06 -11.26
N ASN A 131 21.26 14.23 -12.55
CA ASN A 131 22.52 13.73 -13.13
C ASN A 131 22.69 12.22 -12.88
N LEU A 132 21.70 11.44 -13.32
CA LEU A 132 21.68 10.00 -13.10
C LEU A 132 21.60 9.24 -14.42
N PRO A 133 22.09 7.97 -14.44
CA PRO A 133 21.90 7.12 -15.62
C PRO A 133 20.42 6.79 -15.79
N ASN A 134 20.00 6.51 -17.01
CA ASN A 134 18.60 6.17 -17.27
C ASN A 134 18.45 4.88 -18.08
N ASN A 135 19.35 3.93 -17.82
CA ASN A 135 19.33 2.63 -18.48
C ASN A 135 18.26 1.71 -17.89
N GLU A 136 18.01 1.88 -16.59
CA GLU A 136 16.95 1.18 -15.89
C GLU A 136 16.12 2.21 -15.14
N GLY A 137 14.85 1.90 -14.94
CA GLY A 137 13.94 2.81 -14.25
C GLY A 137 12.52 2.31 -14.34
N LEU A 138 11.56 3.23 -14.29
CA LEU A 138 10.15 2.86 -14.24
C LEU A 138 9.72 1.88 -15.34
N SER A 139 10.03 2.20 -16.60
CA SER A 139 9.57 1.38 -17.72
C SER A 139 10.10 -0.06 -17.65
N SER A 140 11.40 -0.18 -17.39
CA SER A 140 12.05 -1.49 -17.34
C SER A 140 11.58 -2.31 -16.12
N LEU A 141 11.40 -1.62 -14.98
CA LEU A 141 10.86 -2.29 -13.79
C LEU A 141 9.47 -2.86 -14.07
N LEU A 142 8.59 -2.05 -14.66
CA LEU A 142 7.22 -2.49 -14.94
C LEU A 142 7.17 -3.61 -15.98
N LEU A 143 8.18 -3.66 -16.85
CA LEU A 143 8.27 -4.71 -17.88
C LEU A 143 9.05 -5.94 -17.39
N ASN A 144 9.43 -5.91 -16.10
CA ASN A 144 10.25 -6.95 -15.45
C ASN A 144 11.60 -7.21 -16.15
N TRP A 145 12.15 -6.15 -16.74
CA TRP A 145 13.49 -6.19 -17.33
C TRP A 145 14.54 -5.85 -16.27
N SER A 146 14.11 -5.08 -15.27
CA SER A 146 14.99 -4.73 -14.15
C SER A 146 14.30 -4.99 -12.82
N THR A 147 15.09 -5.22 -11.78
CA THR A 147 14.56 -5.47 -10.44
C THR A 147 14.30 -4.17 -9.71
N TYR A 148 13.43 -4.24 -8.70
CA TYR A 148 13.13 -3.12 -7.82
C TYR A 148 14.39 -2.45 -7.29
N GLN A 149 15.26 -3.25 -6.66
CA GLN A 149 16.46 -2.74 -6.01
C GLN A 149 17.47 -2.10 -6.96
N ASP A 150 17.47 -2.53 -8.23
CA ASP A 150 18.36 -1.95 -9.25
C ASP A 150 17.77 -0.70 -9.89
N SER A 151 16.45 -0.57 -9.85
CA SER A 151 15.75 0.47 -10.63
C SER A 151 15.60 1.79 -9.89
N ILE A 152 15.53 1.72 -8.56
CA ILE A 152 15.44 2.90 -7.72
C ILE A 152 16.86 3.29 -7.29
N ILE A 153 17.18 4.57 -7.43
CA ILE A 153 18.50 5.09 -7.08
C ILE A 153 18.42 5.91 -5.80
N SER A 154 19.29 5.60 -4.83
CA SER A 154 19.49 6.45 -3.68
C SER A 154 20.48 7.54 -4.05
N THR A 155 20.00 8.78 -4.07
CA THR A 155 20.82 9.92 -4.48
C THR A 155 21.81 10.30 -3.39
N GLU A 156 22.73 11.19 -3.73
CA GLU A 156 23.67 11.73 -2.75
C GLU A 156 22.99 12.74 -1.80
N ILE A 157 21.70 12.99 -2.04
CA ILE A 157 20.87 13.79 -1.14
C ILE A 157 20.17 12.86 -0.14
N GLU A 158 20.54 13.05 1.13
CA GLU A 158 20.04 12.07 2.09
C GLU A 158 18.52 12.05 2.13
N ASP A 159 17.82 10.97 2.28
CA ASP A 159 16.37 10.79 2.34
C ASP A 159 15.67 11.03 1.00
N LEU A 160 16.45 11.16 -0.08
CA LEU A 160 15.85 11.27 -1.41
C LEU A 160 16.29 10.16 -2.35
N ASP A 161 15.32 9.35 -2.77
CA ASP A 161 15.50 8.35 -3.82
C ASP A 161 14.83 8.84 -5.11
N VAL A 162 15.35 8.39 -6.25
CA VAL A 162 14.77 8.72 -7.55
C VAL A 162 14.51 7.42 -8.32
N LEU A 163 13.31 7.30 -8.86
CA LEU A 163 13.02 6.28 -9.86
C LEU A 163 12.94 6.99 -11.21
N THR A 164 13.99 6.86 -12.02
CA THR A 164 14.01 7.50 -13.34
C THR A 164 13.03 6.80 -14.27
N SER A 165 12.76 7.39 -15.43
CA SER A 165 11.75 6.86 -16.34
C SER A 165 12.10 5.49 -16.91
N GLY A 166 13.40 5.22 -17.04
CA GLY A 166 13.87 4.06 -17.81
C GLY A 166 13.79 4.36 -19.30
N PRO A 167 14.13 3.37 -20.14
CA PRO A 167 14.02 3.53 -21.59
C PRO A 167 12.59 3.90 -22.01
N ILE A 168 12.48 4.67 -23.09
CA ILE A 168 11.18 5.10 -23.61
C ILE A 168 10.36 3.90 -24.12
N PRO A 169 9.22 3.59 -23.45
CA PRO A 169 8.39 2.46 -23.87
C PRO A 169 7.46 2.81 -25.05
N PRO A 170 7.04 1.81 -25.84
CA PRO A 170 6.10 2.04 -26.95
C PRO A 170 4.74 2.62 -26.52
N ASN A 171 4.24 2.20 -25.36
CA ASN A 171 2.90 2.61 -24.91
C ASN A 171 2.84 2.82 -23.39
N PRO A 172 3.09 4.06 -22.94
CA PRO A 172 3.06 4.36 -21.49
C PRO A 172 1.75 3.97 -20.80
N SER A 173 0.61 4.21 -21.46
CA SER A 173 -0.71 3.89 -20.90
C SER A 173 -0.82 2.44 -20.47
N GLU A 174 -0.33 1.53 -21.32
CA GLU A 174 -0.38 0.11 -21.04
C GLU A 174 0.39 -0.22 -19.75
N LEU A 175 1.52 0.45 -19.54
CA LEU A 175 2.31 0.25 -18.32
C LEU A 175 1.61 0.82 -17.08
N ILE A 176 1.04 2.02 -17.20
CA ILE A 176 0.38 2.67 -16.07
C ILE A 176 -0.85 1.88 -15.58
N THR A 177 -1.59 1.28 -16.52
CA THR A 177 -2.78 0.50 -16.19
C THR A 177 -2.51 -0.98 -15.93
N SER A 178 -1.23 -1.37 -15.98
CA SER A 178 -0.86 -2.77 -15.73
C SER A 178 -0.96 -3.10 -14.26
N ARG A 179 -1.17 -4.37 -13.94
CA ARG A 179 -1.15 -4.81 -12.54
C ARG A 179 0.21 -4.54 -11.90
N ALA A 180 1.28 -4.67 -12.69
CA ALA A 180 2.64 -4.34 -12.26
C ALA A 180 2.74 -2.95 -11.64
N PHE A 181 2.10 -1.95 -12.26
CA PHE A 181 2.16 -0.61 -11.69
C PHE A 181 1.33 -0.48 -10.42
N ALA A 182 0.11 -1.01 -10.44
CA ALA A 182 -0.75 -0.96 -9.25
C ALA A 182 0.00 -1.57 -8.07
N ASN A 183 0.66 -2.69 -8.30
CA ASN A 183 1.40 -3.39 -7.25
C ASN A 183 2.63 -2.62 -6.81
N LEU A 184 3.35 -2.04 -7.77
CA LEU A 184 4.47 -1.15 -7.44
C LEU A 184 4.04 0.03 -6.58
N TYR A 185 2.96 0.69 -6.97
CA TYR A 185 2.48 1.88 -6.26
C TYR A 185 2.19 1.54 -4.80
N ASP A 186 1.56 0.40 -4.57
CA ASP A 186 1.29 -0.07 -3.21
C ASP A 186 2.58 -0.24 -2.42
N THR A 187 3.59 -0.86 -3.06
CA THR A 187 4.91 -1.08 -2.46
C THR A 187 5.60 0.25 -2.12
N LEU A 188 5.49 1.22 -3.00
CA LEU A 188 6.09 2.54 -2.79
C LEU A 188 5.49 3.26 -1.59
N LEU A 189 4.16 3.22 -1.46
CA LEU A 189 3.47 3.82 -0.32
C LEU A 189 3.95 3.23 1.01
N MET A 190 4.30 1.95 0.99
CA MET A 190 4.74 1.25 2.20
C MET A 190 6.23 1.47 2.50
N ASN A 191 6.99 1.85 1.48
CA ASN A 191 8.44 2.04 1.62
C ASN A 191 8.90 3.49 1.82
N TYR A 192 8.01 4.43 1.50
CA TYR A 192 8.36 5.85 1.55
C TYR A 192 7.35 6.67 2.35
N ASN A 193 7.85 7.66 3.09
CA ASN A 193 6.97 8.61 3.77
C ASN A 193 6.22 9.51 2.77
N PHE A 194 6.83 9.78 1.63
CA PHE A 194 6.24 10.66 0.64
C PHE A 194 6.70 10.30 -0.78
N VAL A 195 5.74 10.22 -1.70
CA VAL A 195 6.05 9.89 -3.11
C VAL A 195 5.53 11.01 -4.01
N ILE A 196 6.41 11.51 -4.89
CA ILE A 196 6.05 12.56 -5.85
C ILE A 196 6.16 11.98 -7.26
N ILE A 197 5.09 12.09 -8.03
CA ILE A 197 5.12 11.59 -9.41
C ILE A 197 5.10 12.74 -10.42
N ASP A 198 6.20 12.88 -11.16
CA ASP A 198 6.31 13.85 -12.25
C ASP A 198 5.56 13.24 -13.44
N THR A 199 4.89 14.07 -14.25
CA THR A 199 4.03 13.56 -15.33
C THR A 199 4.15 14.37 -16.63
N PRO A 200 3.64 13.84 -17.76
CA PRO A 200 3.47 14.66 -18.96
C PRO A 200 2.27 15.60 -18.81
N PRO A 201 2.12 16.59 -19.72
CA PRO A 201 1.01 17.55 -19.62
C PRO A 201 -0.35 16.90 -19.90
N VAL A 202 -1.39 17.44 -19.26
CA VAL A 202 -2.74 16.88 -19.26
C VAL A 202 -3.46 16.96 -20.61
N ASN A 203 -3.31 18.09 -21.30
CA ASN A 203 -4.10 18.34 -22.51
C ASN A 203 -3.74 17.46 -23.71
N THR A 204 -2.57 16.82 -23.66
CA THR A 204 -2.08 16.05 -24.81
C THR A 204 -2.12 14.54 -24.62
N VAL A 205 -1.88 14.08 -23.40
CA VAL A 205 -1.95 12.64 -23.07
C VAL A 205 -2.62 12.44 -21.71
N THR A 206 -3.20 11.25 -21.52
CA THR A 206 -3.96 10.99 -20.30
C THR A 206 -3.10 10.44 -19.14
N ASP A 207 -1.78 10.38 -19.32
CA ASP A 207 -0.88 9.76 -18.33
C ASP A 207 -1.09 10.33 -16.92
N ALA A 208 -1.12 11.66 -16.81
CA ALA A 208 -1.30 12.33 -15.52
C ALA A 208 -2.65 11.99 -14.88
N GLN A 209 -3.72 11.94 -15.67
CA GLN A 209 -5.04 11.56 -15.17
C GLN A 209 -5.03 10.15 -14.58
N LEU A 210 -4.33 9.23 -15.24
CA LEU A 210 -4.23 7.85 -14.77
C LEU A 210 -3.44 7.75 -13.46
N PHE A 211 -2.32 8.46 -13.38
CA PHE A 211 -1.56 8.52 -12.15
C PHE A 211 -2.38 9.14 -11.00
N SER A 212 -3.20 10.13 -11.34
CA SER A 212 -4.05 10.83 -10.36
C SER A 212 -5.06 9.92 -9.68
N LYS A 213 -5.52 8.89 -10.39
CA LYS A 213 -6.42 7.88 -9.82
C LYS A 213 -5.74 7.13 -8.67
N PHE A 214 -4.43 6.98 -8.75
CA PHE A 214 -3.64 6.36 -7.68
C PHE A 214 -3.37 7.27 -6.49
N THR A 215 -2.82 8.45 -6.75
CA THR A 215 -2.40 9.33 -5.65
C THR A 215 -3.59 9.96 -4.95
N GLY A 216 -4.63 10.26 -5.73
CA GLY A 216 -5.82 10.98 -5.26
C GLY A 216 -5.56 12.43 -4.90
N ASN A 217 -4.35 12.92 -5.21
CA ASN A 217 -3.91 14.26 -4.84
C ASN A 217 -3.05 14.82 -5.96
N VAL A 218 -3.36 16.04 -6.40
CA VAL A 218 -2.67 16.65 -7.54
C VAL A 218 -2.26 18.08 -7.23
N VAL A 219 -1.02 18.41 -7.61
CA VAL A 219 -0.52 19.78 -7.59
C VAL A 219 -0.40 20.23 -9.04
N TYR A 220 -1.03 21.37 -9.35
CA TYR A 220 -1.18 21.86 -10.72
C TYR A 220 -0.28 23.06 -10.94
N VAL A 221 0.70 22.91 -11.83
CA VAL A 221 1.68 23.96 -12.09
C VAL A 221 1.18 24.82 -13.27
N VAL A 222 1.24 26.14 -13.08
CA VAL A 222 0.78 27.08 -14.11
C VAL A 222 1.89 28.06 -14.42
N ASN A 223 2.36 28.03 -15.66
CA ASN A 223 3.38 28.96 -16.14
C ASN A 223 2.75 30.34 -16.35
N SER A 224 2.98 31.24 -15.39
CA SER A 224 2.38 32.57 -15.41
C SER A 224 2.82 33.42 -16.63
N GLU A 225 3.99 33.09 -17.18
CA GLU A 225 4.57 33.81 -18.32
C GLU A 225 3.88 33.51 -19.63
N ASN A 226 3.34 32.30 -19.74
CA ASN A 226 2.82 31.82 -21.02
C ASN A 226 1.80 30.72 -20.80
N ASN A 227 0.53 31.09 -20.93
CA ASN A 227 -0.58 30.15 -20.87
C ASN A 227 -1.86 30.75 -21.44
N ASN A 228 -2.78 29.88 -21.81
CA ASN A 228 -4.11 30.28 -22.24
C ASN A 228 -5.10 29.79 -21.20
N LYS A 229 -5.91 30.70 -20.66
CA LYS A 229 -6.80 30.39 -19.52
C LYS A 229 -7.80 29.27 -19.83
N ASP A 230 -8.29 29.21 -21.07
CA ASP A 230 -9.21 28.17 -21.49
C ASP A 230 -8.54 26.78 -21.49
N GLU A 231 -7.27 26.74 -21.92
CA GLU A 231 -6.48 25.50 -21.90
C GLU A 231 -6.15 25.06 -20.45
N VAL A 232 -5.80 26.02 -19.61
CA VAL A 232 -5.54 25.76 -18.19
C VAL A 232 -6.81 25.26 -17.49
N LYS A 233 -7.94 25.89 -17.80
CA LYS A 233 -9.21 25.52 -17.21
C LYS A 233 -9.59 24.10 -17.65
N LYS A 234 -9.36 23.77 -18.91
CA LYS A 234 -9.66 22.45 -19.45
C LYS A 234 -8.86 21.35 -18.73
N GLY A 235 -7.57 21.61 -18.50
CA GLY A 235 -6.71 20.69 -17.75
C GLY A 235 -7.18 20.46 -16.32
N LYS A 236 -7.57 21.53 -15.63
CA LYS A 236 -8.14 21.44 -14.29
C LYS A 236 -9.36 20.52 -14.25
N GLU A 237 -10.28 20.73 -15.19
CA GLU A 237 -11.52 19.94 -15.28
C GLU A 237 -11.22 18.48 -15.54
N LEU A 238 -10.25 18.21 -16.42
CA LEU A 238 -9.85 16.83 -16.69
C LEU A 238 -9.31 16.14 -15.43
N ILE A 239 -8.50 16.85 -14.65
CA ILE A 239 -7.95 16.33 -13.39
C ILE A 239 -9.06 16.06 -12.36
N GLU A 240 -9.95 17.03 -12.18
CA GLU A 240 -11.03 16.90 -11.21
C GLU A 240 -11.98 15.75 -11.58
N ALA A 241 -12.12 15.49 -12.88
CA ALA A 241 -12.94 14.39 -13.39
C ALA A 241 -12.41 12.98 -13.06
N THR A 242 -11.15 12.91 -12.59
CA THR A 242 -10.58 11.63 -12.14
C THR A 242 -11.06 11.26 -10.73
N GLY A 243 -11.64 12.22 -10.03
CA GLY A 243 -12.03 12.04 -8.64
C GLY A 243 -10.93 12.44 -7.67
N ALA A 244 -9.74 12.71 -8.19
CA ALA A 244 -8.63 13.18 -7.36
C ALA A 244 -8.87 14.58 -6.81
N LYS A 245 -8.29 14.87 -5.66
CA LYS A 245 -8.33 16.22 -5.09
C LYS A 245 -7.24 17.04 -5.75
N LEU A 246 -7.62 18.18 -6.30
CA LEU A 246 -6.66 19.15 -6.78
C LEU A 246 -6.32 20.07 -5.59
N LEU A 247 -5.19 19.77 -4.96
CA LEU A 247 -4.73 20.46 -3.76
C LEU A 247 -4.57 21.96 -3.96
N GLY A 248 -4.04 22.34 -5.11
CA GLY A 248 -3.88 23.74 -5.43
C GLY A 248 -2.94 23.96 -6.57
N VAL A 249 -2.67 25.23 -6.85
CA VAL A 249 -1.80 25.63 -7.93
C VAL A 249 -0.46 26.11 -7.39
N VAL A 250 0.60 25.74 -8.10
CA VAL A 250 1.90 26.39 -7.96
C VAL A 250 2.09 27.26 -9.18
N LEU A 251 2.11 28.57 -8.96
CA LEU A 251 2.39 29.52 -10.04
C LEU A 251 3.89 29.52 -10.27
N ASN A 252 4.29 29.42 -11.54
CA ASN A 252 5.70 29.36 -11.87
C ASN A 252 6.10 30.50 -12.80
N ARG A 253 7.39 30.82 -12.80
CA ARG A 253 7.96 31.89 -13.64
C ARG A 253 7.34 33.26 -13.35
N MET A 254 6.97 33.46 -12.09
CA MET A 254 6.36 34.72 -11.67
C MET A 254 7.37 35.87 -11.80
N PRO A 255 6.89 37.09 -12.12
CA PRO A 255 7.80 38.22 -12.31
C PRO A 255 8.50 38.56 -11.01
N LYS A 256 7.74 38.50 -9.93
CA LYS A 256 8.18 38.63 -8.55
C LYS A 256 7.01 38.28 -7.62
N ASP B 16 -4.47 -35.19 -9.48
CA ASP B 16 -5.03 -34.68 -10.78
C ASP B 16 -6.06 -33.56 -10.53
N LYS B 17 -5.58 -32.34 -10.28
CA LYS B 17 -4.17 -32.07 -9.99
C LYS B 17 -4.09 -31.52 -8.57
N ARG B 18 -4.68 -32.25 -7.62
CA ARG B 18 -4.74 -31.82 -6.23
C ARG B 18 -3.44 -32.04 -5.48
N ILE B 19 -3.06 -31.05 -4.67
CA ILE B 19 -2.20 -31.29 -3.51
C ILE B 19 -3.12 -31.94 -2.49
N LYS B 20 -2.89 -33.19 -2.13
CA LYS B 20 -3.87 -33.88 -1.27
C LYS B 20 -3.36 -34.37 0.08
N ASP B 21 -2.04 -34.34 0.26
CA ASP B 21 -1.45 -34.84 1.51
C ASP B 21 -0.09 -34.24 1.83
N GLU B 22 0.47 -34.67 2.95
CA GLU B 22 1.76 -34.19 3.43
C GLU B 22 2.88 -34.41 2.40
N GLU B 23 2.90 -35.60 1.79
CA GLU B 23 3.89 -35.89 0.74
C GLU B 23 3.83 -34.89 -0.42
N ASP B 24 2.61 -34.58 -0.87
CA ASP B 24 2.40 -33.60 -1.94
C ASP B 24 2.88 -32.20 -1.56
N VAL B 25 2.59 -31.79 -0.32
CA VAL B 25 3.08 -30.51 0.17
C VAL B 25 4.61 -30.49 0.16
N GLU B 26 5.22 -31.54 0.72
CA GLU B 26 6.67 -31.68 0.77
C GLU B 26 7.35 -31.55 -0.60
N LYS B 27 6.93 -32.33 -1.59
CA LYS B 27 7.67 -32.25 -2.84
C LYS B 27 7.01 -31.61 -4.07
N GLU B 28 5.77 -31.13 -3.91
CA GLU B 28 5.22 -30.23 -4.93
C GLU B 28 5.36 -28.77 -4.54
N LEU B 29 5.41 -28.51 -3.23
CA LEU B 29 5.48 -27.14 -2.73
C LEU B 29 6.78 -26.81 -1.98
N GLY B 30 7.47 -27.85 -1.51
CA GLY B 30 8.71 -27.68 -0.75
C GLY B 30 8.52 -26.97 0.57
N LEU B 31 7.39 -27.23 1.22
CA LEU B 31 7.03 -26.58 2.48
C LEU B 31 6.77 -27.62 3.57
N PRO B 32 7.00 -27.25 4.84
CA PRO B 32 6.57 -28.14 5.91
C PRO B 32 5.07 -28.06 6.14
N VAL B 33 4.52 -29.10 6.76
CA VAL B 33 3.12 -29.11 7.16
C VAL B 33 3.10 -28.81 8.66
N LEU B 34 2.41 -27.73 9.02
CA LEU B 34 2.29 -27.30 10.42
C LEU B 34 1.19 -28.07 11.13
N GLY B 35 0.22 -28.54 10.36
CA GLY B 35 -0.88 -29.33 10.91
C GLY B 35 -1.83 -29.79 9.82
N SER B 36 -2.61 -30.81 10.16
CA SER B 36 -3.63 -31.33 9.25
C SER B 36 -4.96 -31.34 9.97
N ILE B 37 -5.95 -30.73 9.33
CA ILE B 37 -7.30 -30.66 9.86
C ILE B 37 -8.22 -31.50 9.00
N GLN B 38 -8.81 -32.52 9.61
CA GLN B 38 -9.77 -33.38 8.91
C GLN B 38 -11.05 -32.63 8.56
N LYS B 39 -11.73 -33.11 7.51
CA LYS B 39 -13.10 -32.69 7.24
C LYS B 39 -13.93 -32.99 8.49
N PHE B 40 -14.66 -31.98 8.96
CA PHE B 40 -15.43 -32.10 10.20
C PHE B 40 -16.46 -33.21 10.14
N ASN B 41 -16.50 -34.04 11.17
CA ASN B 41 -17.58 -35.01 11.34
C ASN B 41 -18.01 -35.11 12.80
N MET B 42 -19.06 -35.89 13.07
CA MET B 42 -19.59 -36.03 14.43
C MET B 42 -18.55 -36.45 15.45
N THR B 43 -17.59 -37.26 15.01
CA THR B 43 -16.60 -37.86 15.90
C THR B 43 -15.42 -36.93 16.18
N ASN B 44 -14.79 -36.42 15.11
CA ASN B 44 -13.60 -35.57 15.29
C ASN B 44 -13.86 -34.19 15.89
N THR B 45 -15.12 -33.75 15.85
CA THR B 45 -15.52 -32.48 16.48
C THR B 45 -16.36 -32.68 17.72
N ARG B 46 -16.66 -33.94 18.04
CA ARG B 46 -17.56 -34.28 19.16
C ARG B 46 -18.88 -33.50 19.08
N ARG B 47 -19.48 -33.53 17.90
CA ARG B 47 -20.78 -32.91 17.62
C ARG B 47 -20.86 -31.42 17.94
N SER B 48 -19.79 -30.70 17.64
CA SER B 48 -19.75 -29.25 17.81
C SER B 48 -20.91 -28.59 17.08
N THR B 49 -21.56 -27.64 17.75
CA THR B 49 -22.73 -26.92 17.22
C THR B 49 -22.38 -25.91 16.12
N SER B 50 -21.11 -25.52 16.07
CA SER B 50 -20.62 -24.54 15.09
C SER B 50 -19.23 -24.95 14.59
N SER B 51 -18.68 -24.16 13.66
CA SER B 51 -17.33 -24.42 13.15
C SER B 51 -16.22 -23.97 14.10
N LEU B 52 -16.59 -23.32 15.20
CA LEU B 52 -15.61 -22.90 16.21
C LEU B 52 -15.35 -24.05 17.20
N ILE B 53 -14.79 -25.13 16.66
CA ILE B 53 -14.59 -26.40 17.38
C ILE B 53 -13.76 -26.26 18.67
N VAL B 54 -12.69 -25.47 18.59
CA VAL B 54 -11.75 -25.35 19.70
C VAL B 54 -12.47 -24.79 20.94
N HIS B 55 -13.42 -23.90 20.70
CA HIS B 55 -14.22 -23.34 21.78
C HIS B 55 -15.35 -24.27 22.21
N GLU B 56 -16.17 -24.72 21.26
CA GLU B 56 -17.37 -25.52 21.59
C GLU B 56 -17.04 -26.91 22.13
N GLN B 57 -16.01 -27.54 21.57
CA GLN B 57 -15.61 -28.87 22.03
C GLN B 57 -14.10 -28.93 22.21
N PRO B 58 -13.60 -28.35 23.32
CA PRO B 58 -12.15 -28.20 23.53
C PRO B 58 -11.38 -29.52 23.66
N LYS B 59 -12.07 -30.63 23.95
CA LYS B 59 -11.41 -31.93 24.09
C LYS B 59 -11.50 -32.81 22.84
N SER B 60 -12.09 -32.28 21.77
CA SER B 60 -12.24 -33.05 20.52
C SER B 60 -10.89 -33.26 19.81
N PRO B 61 -10.77 -34.35 19.03
CA PRO B 61 -9.59 -34.58 18.20
C PRO B 61 -9.16 -33.36 17.36
N ILE B 62 -10.13 -32.69 16.72
CA ILE B 62 -9.85 -31.49 15.91
C ILE B 62 -9.23 -30.38 16.76
N SER B 63 -9.79 -30.16 17.96
CA SER B 63 -9.25 -29.14 18.85
C SER B 63 -7.78 -29.44 19.18
N GLU B 64 -7.46 -30.71 19.39
CA GLU B 64 -6.08 -31.09 19.69
C GLU B 64 -5.13 -30.73 18.55
N LYS B 65 -5.60 -30.90 17.31
CA LYS B 65 -4.82 -30.54 16.11
C LYS B 65 -4.45 -29.05 16.10
N PHE B 66 -5.40 -28.20 16.47
CA PHE B 66 -5.16 -26.76 16.51
C PHE B 66 -4.15 -26.36 17.59
N ARG B 67 -4.16 -27.06 18.72
CA ARG B 67 -3.16 -26.86 19.76
C ARG B 67 -1.77 -27.27 19.26
N GLY B 68 -1.71 -28.33 18.46
CA GLY B 68 -0.47 -28.78 17.86
C GLY B 68 0.11 -27.71 16.94
N ILE B 69 -0.75 -27.09 16.14
CA ILE B 69 -0.33 -25.99 15.26
C ILE B 69 0.23 -24.82 16.09
N ARG B 70 -0.51 -24.38 17.10
CA ARG B 70 -0.05 -23.33 18.02
C ARG B 70 1.34 -23.64 18.60
N SER B 71 1.50 -24.87 19.10
CA SER B 71 2.76 -25.27 19.74
C SER B 71 3.91 -25.26 18.73
N ASN B 72 3.62 -25.73 17.52
CA ASN B 72 4.60 -25.73 16.44
C ASN B 72 5.12 -24.32 16.13
N ILE B 73 4.20 -23.38 15.88
CA ILE B 73 4.57 -22.00 15.58
C ILE B 73 5.42 -21.38 16.68
N MET B 74 5.06 -21.64 17.94
CA MET B 74 5.71 -20.96 19.06
C MET B 74 6.97 -21.65 19.61
N PHE B 75 7.15 -22.94 19.29
CA PHE B 75 8.20 -23.74 19.93
C PHE B 75 9.06 -24.63 19.00
N ALA B 76 8.61 -24.88 17.78
CA ALA B 76 9.35 -25.78 16.87
C ALA B 76 10.75 -25.28 16.51
N ASN B 77 10.90 -23.96 16.42
CA ASN B 77 12.19 -23.33 16.17
C ASN B 77 12.78 -22.78 17.46
N PRO B 78 14.01 -23.21 17.81
CA PRO B 78 14.67 -22.93 19.10
C PRO B 78 15.05 -21.45 19.33
N ASP B 79 14.09 -20.57 19.06
CA ASP B 79 14.12 -19.12 19.34
C ASP B 79 13.68 -18.26 18.15
N SER B 80 12.57 -18.66 17.54
CA SER B 80 11.84 -17.74 16.69
C SER B 80 11.05 -16.84 17.63
N ALA B 81 10.68 -15.66 17.15
CA ALA B 81 9.88 -14.74 17.96
C ALA B 81 8.69 -14.25 17.15
N VAL B 82 7.79 -15.19 16.81
CA VAL B 82 6.63 -14.88 15.97
C VAL B 82 5.58 -14.10 16.77
N GLN B 83 5.38 -12.84 16.39
CA GLN B 83 4.43 -11.95 17.07
C GLN B 83 3.06 -11.96 16.39
N SER B 84 3.04 -12.30 15.11
CA SER B 84 1.82 -12.20 14.31
C SER B 84 1.93 -13.06 13.07
N ILE B 85 0.79 -13.47 12.53
CA ILE B 85 0.73 -14.27 11.31
C ILE B 85 -0.41 -13.81 10.39
N VAL B 86 -0.19 -13.98 9.09
CA VAL B 86 -1.25 -13.93 8.09
C VAL B 86 -1.70 -15.36 7.85
N ILE B 87 -3.02 -15.55 7.77
CA ILE B 87 -3.59 -16.83 7.34
C ILE B 87 -4.13 -16.56 5.93
N THR B 88 -3.58 -17.26 4.94
CA THR B 88 -4.09 -17.12 3.59
C THR B 88 -4.14 -18.45 2.81
N SER B 89 -4.60 -18.37 1.56
CA SER B 89 -4.72 -19.53 0.69
C SER B 89 -4.69 -19.05 -0.74
N GLU B 90 -4.57 -19.98 -1.68
CA GLU B 90 -4.58 -19.66 -3.09
C GLU B 90 -5.98 -19.23 -3.56
N ALA B 91 -7.03 -19.90 -3.05
CA ALA B 91 -8.39 -19.77 -3.59
C ALA B 91 -9.47 -19.61 -2.51
N PRO B 92 -10.67 -19.12 -2.90
CA PRO B 92 -11.80 -19.10 -1.95
C PRO B 92 -12.16 -20.49 -1.47
N GLY B 93 -12.65 -20.58 -0.24
CA GLY B 93 -13.19 -21.83 0.30
C GLY B 93 -12.17 -22.81 0.87
N ALA B 94 -10.90 -22.40 0.92
CA ALA B 94 -9.82 -23.27 1.41
C ALA B 94 -9.95 -23.57 2.90
N GLY B 95 -10.50 -22.61 3.65
CA GLY B 95 -10.64 -22.75 5.10
C GLY B 95 -9.86 -21.71 5.89
N LYS B 96 -9.47 -20.60 5.24
CA LYS B 96 -8.70 -19.53 5.92
C LYS B 96 -9.40 -19.04 7.19
N SER B 97 -10.66 -18.65 7.05
CA SER B 97 -11.39 -18.04 8.17
C SER B 97 -11.60 -19.01 9.31
N THR B 98 -11.91 -20.25 8.96
CA THR B 98 -12.14 -21.31 9.94
C THR B 98 -10.84 -21.66 10.69
N ILE B 99 -9.74 -21.77 9.95
CA ILE B 99 -8.45 -22.09 10.57
C ILE B 99 -7.98 -20.92 11.43
N ALA B 100 -8.14 -19.70 10.93
CA ALA B 100 -7.76 -18.50 11.68
C ALA B 100 -8.50 -18.39 13.01
N ALA B 101 -9.82 -18.63 12.99
CA ALA B 101 -10.65 -18.47 14.19
C ALA B 101 -10.33 -19.53 15.22
N ASN B 102 -10.25 -20.78 14.79
CA ASN B 102 -9.91 -21.87 15.70
C ASN B 102 -8.50 -21.75 16.28
N LEU B 103 -7.56 -21.33 15.44
CA LEU B 103 -6.18 -21.11 15.89
C LEU B 103 -6.13 -20.01 16.94
N ALA B 104 -6.89 -18.93 16.71
CA ALA B 104 -6.98 -17.82 17.67
C ALA B 104 -7.48 -18.28 19.04
N VAL B 105 -8.52 -19.13 19.03
CA VAL B 105 -9.08 -19.69 20.27
C VAL B 105 -8.03 -20.54 20.96
N ALA B 106 -7.32 -21.38 20.19
CA ALA B 106 -6.21 -22.17 20.73
C ALA B 106 -5.15 -21.30 21.43
N TYR B 107 -4.77 -20.20 20.80
CA TYR B 107 -3.83 -19.24 21.40
C TYR B 107 -4.37 -18.66 22.72
N ALA B 108 -5.60 -18.18 22.69
CA ALA B 108 -6.24 -17.62 23.88
C ALA B 108 -6.33 -18.63 25.04
N GLN B 109 -6.69 -19.87 24.71
CA GLN B 109 -6.79 -20.93 25.74
C GLN B 109 -5.43 -21.22 26.39
N ALA B 110 -4.35 -21.10 25.62
CA ALA B 110 -3.00 -21.29 26.13
C ALA B 110 -2.51 -20.13 26.99
N GLY B 111 -3.25 -19.02 27.00
CA GLY B 111 -2.89 -17.86 27.81
C GLY B 111 -2.24 -16.69 27.12
N TYR B 112 -2.19 -16.71 25.79
CA TYR B 112 -1.73 -15.57 25.01
C TYR B 112 -2.87 -14.56 24.88
N LYS B 113 -2.60 -13.31 25.23
CA LYS B 113 -3.56 -12.25 24.92
C LYS B 113 -3.54 -12.11 23.39
N THR B 114 -4.64 -12.52 22.77
CA THR B 114 -4.68 -12.73 21.34
C THR B 114 -5.73 -11.84 20.68
N LEU B 115 -5.38 -11.32 19.50
CA LEU B 115 -6.33 -10.60 18.65
C LEU B 115 -6.43 -11.30 17.31
N ILE B 116 -7.65 -11.56 16.87
CA ILE B 116 -7.86 -11.93 15.47
C ILE B 116 -8.42 -10.72 14.73
N VAL B 117 -7.75 -10.37 13.63
CA VAL B 117 -8.15 -9.25 12.79
C VAL B 117 -8.81 -9.81 11.55
N ASP B 118 -10.03 -9.37 11.27
CA ASP B 118 -10.68 -9.74 10.02
C ASP B 118 -10.21 -8.83 8.89
N GLY B 119 -9.10 -9.23 8.27
CA GLY B 119 -8.51 -8.48 7.17
C GLY B 119 -9.07 -8.88 5.81
N ASP B 120 -10.14 -9.67 5.81
CA ASP B 120 -10.91 -9.83 4.57
C ASP B 120 -12.04 -8.82 4.59
N MET B 121 -11.76 -7.63 4.04
CA MET B 121 -12.75 -6.56 4.00
C MET B 121 -13.57 -6.61 2.71
N ARG B 122 -13.56 -7.76 2.06
CA ARG B 122 -14.31 -8.00 0.82
C ARG B 122 -15.44 -9.00 1.05
N LYS B 123 -15.07 -10.15 1.63
CA LYS B 123 -16.02 -11.18 1.99
C LYS B 123 -15.73 -11.69 3.43
N PRO B 124 -15.87 -10.78 4.43
CA PRO B 124 -15.58 -11.11 5.83
C PRO B 124 -16.52 -12.16 6.42
N THR B 125 -15.99 -12.99 7.32
CA THR B 125 -16.83 -13.96 8.05
C THR B 125 -16.53 -14.06 9.54
N GLN B 126 -15.53 -13.35 10.04
CA GLN B 126 -15.22 -13.47 11.48
C GLN B 126 -16.37 -13.05 12.37
N HIS B 127 -17.14 -12.06 11.92
CA HIS B 127 -18.32 -11.62 12.68
C HIS B 127 -19.40 -12.71 12.73
N TYR B 128 -19.47 -13.51 11.66
CA TYR B 128 -20.35 -14.67 11.64
C TYR B 128 -19.87 -15.74 12.60
N ILE B 129 -18.57 -16.05 12.53
CA ILE B 129 -17.97 -17.12 13.32
C ILE B 129 -18.11 -16.86 14.81
N PHE B 130 -17.82 -15.62 15.23
CA PHE B 130 -17.86 -15.25 16.63
C PHE B 130 -19.20 -14.63 17.07
N ASN B 131 -20.18 -14.59 16.15
CA ASN B 131 -21.50 -14.06 16.45
C ASN B 131 -21.44 -12.62 17.01
N LEU B 132 -20.76 -11.75 16.27
CA LEU B 132 -20.56 -10.37 16.69
C LEU B 132 -21.19 -9.38 15.70
N PRO B 133 -21.54 -8.17 16.18
CA PRO B 133 -22.00 -7.15 15.25
C PRO B 133 -20.83 -6.71 14.38
N ASN B 134 -21.12 -6.12 13.22
CA ASN B 134 -20.07 -5.68 12.31
C ASN B 134 -20.33 -4.28 11.77
N ASN B 135 -20.85 -3.39 12.61
CA ASN B 135 -21.12 -2.02 12.19
C ASN B 135 -19.92 -1.11 12.34
N GLU B 136 -19.01 -1.52 13.24
CA GLU B 136 -17.69 -0.89 13.38
C GLU B 136 -16.65 -2.02 13.33
N GLY B 137 -15.45 -1.70 12.86
CA GLY B 137 -14.38 -2.67 12.80
C GLY B 137 -13.19 -2.09 12.06
N LEU B 138 -12.43 -2.95 11.40
CA LEU B 138 -11.19 -2.54 10.77
C LEU B 138 -11.36 -1.36 9.79
N SER B 139 -12.32 -1.46 8.86
CA SER B 139 -12.52 -0.42 7.85
C SER B 139 -12.85 0.94 8.47
N SER B 140 -13.77 0.94 9.43
CA SER B 140 -14.22 2.17 10.05
C SER B 140 -13.15 2.78 10.97
N LEU B 141 -12.39 1.92 11.63
CA LEU B 141 -11.26 2.40 12.44
C LEU B 141 -10.23 3.10 11.55
N LEU B 142 -9.87 2.47 10.43
CA LEU B 142 -8.85 3.01 9.54
C LEU B 142 -9.27 4.30 8.86
N LEU B 143 -10.59 4.47 8.69
CA LEU B 143 -11.15 5.69 8.11
C LEU B 143 -11.47 6.75 9.17
N ASN B 144 -11.06 6.48 10.42
CA ASN B 144 -11.35 7.32 11.59
C ASN B 144 -12.84 7.59 11.87
N TRP B 145 -13.71 6.71 11.35
CA TRP B 145 -15.15 6.78 11.64
C TRP B 145 -15.49 6.21 13.01
N SER B 146 -14.63 5.31 13.50
CA SER B 146 -14.80 4.71 14.82
C SER B 146 -13.48 4.76 15.59
N THR B 147 -13.56 4.74 16.92
CA THR B 147 -12.37 4.75 17.77
C THR B 147 -11.81 3.35 18.01
N TYR B 148 -10.53 3.29 18.34
CA TYR B 148 -9.85 2.05 18.69
C TYR B 148 -10.65 1.22 19.70
N GLN B 149 -11.02 1.85 20.82
CA GLN B 149 -11.68 1.17 21.92
C GLN B 149 -13.08 0.65 21.57
N ASP B 150 -13.76 1.32 20.63
CA ASP B 150 -15.08 0.90 20.17
C ASP B 150 -15.01 -0.17 19.08
N SER B 151 -13.88 -0.25 18.38
CA SER B 151 -13.77 -1.12 17.19
C SER B 151 -13.34 -2.55 17.49
N ILE B 152 -12.53 -2.72 18.53
CA ILE B 152 -12.08 -4.04 18.96
C ILE B 152 -13.05 -4.56 20.02
N ILE B 153 -13.49 -5.80 19.84
CA ILE B 153 -14.44 -6.42 20.74
C ILE B 153 -13.73 -7.44 21.61
N SER B 154 -13.95 -7.34 22.91
CA SER B 154 -13.50 -8.37 23.84
C SER B 154 -14.56 -9.45 23.91
N THR B 155 -14.22 -10.64 23.40
CA THR B 155 -15.17 -11.75 23.31
C THR B 155 -15.44 -12.40 24.66
N GLU B 156 -16.42 -13.30 24.69
CA GLU B 156 -16.71 -14.09 25.89
C GLU B 156 -15.65 -15.18 26.14
N ILE B 157 -14.70 -15.32 25.22
CA ILE B 157 -13.56 -16.22 25.36
C ILE B 157 -12.39 -15.43 25.96
N GLU B 158 -11.98 -15.94 27.18
CA GLU B 158 -11.05 -15.04 27.86
C GLU B 158 -9.75 -14.90 27.07
N ASP B 159 -9.01 -13.84 26.98
CA ASP B 159 -7.76 -13.60 26.26
C ASP B 159 -7.94 -13.55 24.74
N LEU B 160 -9.19 -13.58 24.27
CA LEU B 160 -9.45 -13.42 22.83
C LEU B 160 -10.25 -12.16 22.51
N ASP B 161 -9.62 -11.27 21.75
CA ASP B 161 -10.27 -10.09 21.20
C ASP B 161 -10.45 -10.30 19.69
N VAL B 162 -11.48 -9.66 19.13
CA VAL B 162 -11.72 -9.72 17.69
C VAL B 162 -11.86 -8.30 17.12
N LEU B 163 -11.13 -8.02 16.05
CA LEU B 163 -11.39 -6.83 15.27
C LEU B 163 -12.10 -7.28 13.99
N THR B 164 -13.41 -7.05 13.93
CA THR B 164 -14.20 -7.45 12.76
C THR B 164 -13.82 -6.55 11.56
N SER B 165 -14.29 -6.92 10.38
CA SER B 165 -13.94 -6.18 9.16
C SER B 165 -14.44 -4.74 9.15
N GLY B 166 -15.60 -4.53 9.79
CA GLY B 166 -16.34 -3.28 9.64
C GLY B 166 -17.10 -3.28 8.32
N PRO B 167 -17.79 -2.17 8.00
CA PRO B 167 -18.50 -2.05 6.73
C PRO B 167 -17.56 -2.23 5.53
N ILE B 168 -18.10 -2.78 4.44
CA ILE B 168 -17.30 -3.06 3.24
C ILE B 168 -16.82 -1.77 2.57
N PRO B 169 -15.49 -1.54 2.56
CA PRO B 169 -14.96 -0.31 1.97
C PRO B 169 -14.84 -0.43 0.45
N PRO B 170 -14.84 0.71 -0.28
CA PRO B 170 -14.71 0.67 -1.75
C PRO B 170 -13.36 0.15 -2.25
N ASN B 171 -12.29 0.41 -1.49
CA ASN B 171 -10.95 0.02 -1.91
C ASN B 171 -10.11 -0.44 -0.72
N PRO B 172 -10.12 -1.76 -0.44
CA PRO B 172 -9.33 -2.31 0.67
C PRO B 172 -7.83 -2.01 0.58
N SER B 173 -7.28 -2.03 -0.64
CA SER B 173 -5.87 -1.74 -0.86
C SER B 173 -5.45 -0.40 -0.26
N GLU B 174 -6.26 0.63 -0.52
CA GLU B 174 -5.98 1.99 -0.06
C GLU B 174 -5.88 2.03 1.48
N LEU B 175 -6.76 1.29 2.14
CA LEU B 175 -6.76 1.19 3.60
C LEU B 175 -5.51 0.46 4.13
N ILE B 176 -5.16 -0.65 3.51
CA ILE B 176 -4.02 -1.46 3.97
C ILE B 176 -2.69 -0.70 3.82
N THR B 177 -2.55 0.07 2.74
CA THR B 177 -1.32 0.84 2.49
C THR B 177 -1.33 2.21 3.16
N SER B 178 -2.42 2.55 3.85
CA SER B 178 -2.53 3.86 4.52
C SER B 178 -1.60 3.94 5.73
N ARG B 179 -1.22 5.17 6.08
CA ARG B 179 -0.47 5.39 7.32
C ARG B 179 -1.25 4.89 8.53
N ALA B 180 -2.58 5.05 8.48
CA ALA B 180 -3.48 4.58 9.54
C ALA B 180 -3.25 3.10 9.87
N PHE B 181 -3.12 2.27 8.84
CA PHE B 181 -2.92 0.85 9.11
C PHE B 181 -1.54 0.53 9.68
N ALA B 182 -0.49 1.09 9.07
CA ALA B 182 0.86 0.88 9.58
C ALA B 182 0.93 1.24 11.06
N ASN B 183 0.29 2.35 11.42
CA ASN B 183 0.30 2.81 12.81
C ASN B 183 -0.53 1.93 13.72
N LEU B 184 -1.68 1.48 13.21
CA LEU B 184 -2.52 0.52 13.94
C LEU B 184 -1.75 -0.76 14.21
N TYR B 185 -1.10 -1.28 13.16
CA TYR B 185 -0.39 -2.54 13.27
C TYR B 185 0.68 -2.48 14.37
N ASP B 186 1.41 -1.36 14.41
CA ASP B 186 2.39 -1.14 15.47
C ASP B 186 1.76 -1.19 16.86
N THR B 187 0.59 -0.55 17.00
CA THR B 187 -0.17 -0.51 18.25
C THR B 187 -0.64 -1.93 18.67
N LEU B 188 -1.08 -2.72 17.69
CA LEU B 188 -1.56 -4.07 17.99
C LEU B 188 -0.42 -4.95 18.50
N LEU B 189 0.76 -4.85 17.88
CA LEU B 189 1.94 -5.59 18.33
C LEU B 189 2.29 -5.28 19.78
N MET B 190 2.08 -4.04 20.19
CA MET B 190 2.40 -3.59 21.55
C MET B 190 1.31 -3.94 22.58
N ASN B 191 0.10 -4.19 22.11
CA ASN B 191 -1.05 -4.47 22.99
C ASN B 191 -1.40 -5.96 23.12
N TYR B 192 -0.92 -6.77 22.19
CA TYR B 192 -1.25 -8.21 22.15
C TYR B 192 -0.01 -9.08 22.10
N ASN B 193 -0.06 -10.21 22.81
CA ASN B 193 0.99 -11.23 22.72
C ASN B 193 1.04 -11.89 21.33
N PHE B 194 -0.12 -12.00 20.69
CA PHE B 194 -0.22 -12.63 19.38
C PHE B 194 -1.36 -12.04 18.55
N VAL B 195 -1.08 -11.78 17.26
CA VAL B 195 -2.08 -11.20 16.35
C VAL B 195 -2.22 -12.13 15.13
N ILE B 196 -3.46 -12.49 14.81
CA ILE B 196 -3.75 -13.34 13.65
C ILE B 196 -4.58 -12.53 12.68
N ILE B 197 -4.12 -12.40 11.45
CA ILE B 197 -4.87 -11.66 10.42
C ILE B 197 -5.46 -12.62 9.38
N ASP B 198 -6.80 -12.70 9.35
CA ASP B 198 -7.53 -13.44 8.32
C ASP B 198 -7.51 -12.58 7.06
N THR B 199 -7.44 -13.22 5.88
CA THR B 199 -7.28 -12.49 4.60
C THR B 199 -8.13 -13.06 3.46
N PRO B 200 -8.27 -12.30 2.34
CA PRO B 200 -8.84 -12.89 1.12
C PRO B 200 -7.81 -13.79 0.43
N PRO B 201 -8.25 -14.60 -0.57
CA PRO B 201 -7.30 -15.48 -1.25
C PRO B 201 -6.27 -14.72 -2.11
N VAL B 202 -5.09 -15.31 -2.26
CA VAL B 202 -3.94 -14.68 -2.92
C VAL B 202 -4.11 -14.51 -4.45
N ASN B 203 -4.64 -15.52 -5.12
CA ASN B 203 -4.64 -15.49 -6.59
C ASN B 203 -5.57 -14.43 -7.23
N THR B 204 -6.50 -13.90 -6.43
CA THR B 204 -7.47 -12.93 -6.96
C THR B 204 -7.23 -11.48 -6.54
N VAL B 205 -6.76 -11.27 -5.31
CA VAL B 205 -6.46 -9.92 -4.81
C VAL B 205 -5.15 -9.92 -4.04
N THR B 206 -4.48 -8.77 -3.98
CA THR B 206 -3.16 -8.70 -3.35
C THR B 206 -3.21 -8.37 -1.84
N ASP B 207 -4.42 -8.36 -1.26
CA ASP B 207 -4.58 -7.96 0.16
C ASP B 207 -3.67 -8.77 1.09
N ALA B 208 -3.65 -10.10 0.92
CA ALA B 208 -2.84 -10.97 1.76
C ALA B 208 -1.33 -10.71 1.61
N GLN B 209 -0.88 -10.50 0.36
CA GLN B 209 0.50 -10.08 0.09
C GLN B 209 0.89 -8.80 0.85
N LEU B 210 -0.01 -7.81 0.84
CA LEU B 210 0.23 -6.55 1.55
C LEU B 210 0.33 -6.75 3.07
N PHE B 211 -0.63 -7.49 3.64
CA PHE B 211 -0.58 -7.81 5.08
C PHE B 211 0.71 -8.58 5.44
N SER B 212 1.13 -9.47 4.56
CA SER B 212 2.34 -10.28 4.76
C SER B 212 3.62 -9.45 4.90
N LYS B 213 3.66 -8.28 4.26
CA LYS B 213 4.77 -7.33 4.44
C LYS B 213 4.89 -6.86 5.89
N PHE B 214 3.76 -6.78 6.58
CA PHE B 214 3.75 -6.37 7.99
C PHE B 214 4.12 -7.49 8.95
N THR B 215 3.44 -8.63 8.84
CA THR B 215 3.64 -9.73 9.80
C THR B 215 4.99 -10.40 9.60
N GLY B 216 5.40 -10.50 8.33
CA GLY B 216 6.62 -11.22 7.94
C GLY B 216 6.52 -12.73 8.10
N ASN B 217 5.32 -13.22 8.41
CA ASN B 217 5.07 -14.64 8.71
C ASN B 217 3.72 -15.04 8.16
N VAL B 218 3.68 -16.14 7.43
CA VAL B 218 2.46 -16.58 6.75
C VAL B 218 2.17 -18.06 6.98
N VAL B 219 0.91 -18.38 7.28
CA VAL B 219 0.42 -19.75 7.33
C VAL B 219 -0.49 -19.94 6.12
N TYR B 220 -0.19 -20.97 5.32
CA TYR B 220 -0.83 -21.18 4.03
C TYR B 220 -1.78 -22.36 4.12
N VAL B 221 -3.07 -22.12 3.93
CA VAL B 221 -4.09 -23.17 4.04
C VAL B 221 -4.36 -23.77 2.66
N VAL B 222 -4.33 -25.10 2.58
CA VAL B 222 -4.59 -25.80 1.32
C VAL B 222 -5.76 -26.76 1.54
N ASN B 223 -6.83 -26.55 0.77
CA ASN B 223 -7.99 -27.43 0.78
C ASN B 223 -7.66 -28.72 0.03
N SER B 224 -7.35 -29.76 0.79
CA SER B 224 -6.94 -31.06 0.22
C SER B 224 -8.01 -31.71 -0.67
N GLU B 225 -9.27 -31.35 -0.45
CA GLU B 225 -10.41 -31.89 -1.19
C GLU B 225 -10.57 -31.31 -2.58
N ASN B 226 -10.16 -30.05 -2.75
CA ASN B 226 -10.39 -29.32 -3.99
C ASN B 226 -9.35 -28.23 -4.18
N ASN B 227 -8.36 -28.52 -5.01
CA ASN B 227 -7.34 -27.55 -5.40
C ASN B 227 -6.63 -27.97 -6.68
N ASN B 228 -6.02 -26.99 -7.34
CA ASN B 228 -5.17 -27.24 -8.49
C ASN B 228 -3.72 -26.90 -8.12
N LYS B 229 -2.82 -27.86 -8.30
CA LYS B 229 -1.40 -27.72 -7.89
C LYS B 229 -0.71 -26.49 -8.43
N ASP B 230 -0.99 -26.14 -9.68
CA ASP B 230 -0.35 -24.99 -10.32
C ASP B 230 -0.83 -23.68 -9.71
N GLU B 231 -2.14 -23.61 -9.40
CA GLU B 231 -2.74 -22.46 -8.71
C GLU B 231 -2.18 -22.33 -7.28
N VAL B 232 -2.06 -23.46 -6.59
CA VAL B 232 -1.49 -23.49 -5.23
C VAL B 232 -0.01 -23.07 -5.25
N LYS B 233 0.75 -23.58 -6.22
CA LYS B 233 2.15 -23.19 -6.35
C LYS B 233 2.29 -21.69 -6.61
N LYS B 234 1.44 -21.15 -7.49
CA LYS B 234 1.49 -19.73 -7.84
C LYS B 234 1.26 -18.84 -6.60
N GLY B 235 0.28 -19.21 -5.78
CA GLY B 235 0.01 -18.48 -4.53
C GLY B 235 1.21 -18.47 -3.59
N LYS B 236 1.86 -19.62 -3.44
CA LYS B 236 3.06 -19.76 -2.63
C LYS B 236 4.14 -18.78 -3.10
N GLU B 237 4.38 -18.77 -4.40
CA GLU B 237 5.40 -17.89 -5.00
C GLU B 237 5.08 -16.42 -4.79
N LEU B 238 3.81 -16.06 -4.92
CA LEU B 238 3.37 -14.68 -4.67
C LEU B 238 3.66 -14.27 -3.21
N ILE B 239 3.35 -15.16 -2.27
CA ILE B 239 3.64 -14.93 -0.85
C ILE B 239 5.14 -14.79 -0.56
N GLU B 240 5.94 -15.69 -1.11
CA GLU B 240 7.39 -15.67 -0.88
C GLU B 240 8.05 -14.43 -1.49
N ALA B 241 7.49 -13.95 -2.61
CA ALA B 241 7.94 -12.72 -3.27
C ALA B 241 7.74 -11.44 -2.44
N THR B 242 6.95 -11.51 -1.38
CA THR B 242 6.77 -10.38 -0.45
C THR B 242 7.96 -10.25 0.52
N GLY B 243 8.77 -11.31 0.59
CA GLY B 243 9.87 -11.39 1.54
C GLY B 243 9.48 -12.01 2.88
N ALA B 244 8.19 -12.26 3.07
CA ALA B 244 7.70 -12.89 4.30
C ALA B 244 8.11 -14.36 4.36
N LYS B 245 8.23 -14.87 5.58
CA LYS B 245 8.50 -16.30 5.78
C LYS B 245 7.19 -17.05 5.69
N LEU B 246 7.15 -18.04 4.80
CA LEU B 246 6.03 -18.95 4.76
C LEU B 246 6.33 -20.07 5.76
N LEU B 247 5.76 -19.92 6.96
CA LEU B 247 5.99 -20.87 8.07
C LEU B 247 5.68 -22.30 7.66
N GLY B 248 4.57 -22.49 6.96
CA GLY B 248 4.21 -23.81 6.50
C GLY B 248 2.76 -23.88 6.09
N VAL B 249 2.31 -25.10 5.82
CA VAL B 249 0.98 -25.33 5.31
C VAL B 249 0.10 -25.98 6.38
N VAL B 250 -1.16 -25.55 6.44
CA VAL B 250 -2.16 -26.30 7.17
C VAL B 250 -3.03 -26.97 6.12
N LEU B 251 -2.97 -28.29 6.05
CA LEU B 251 -3.85 -29.06 5.18
C LEU B 251 -5.23 -29.08 5.81
N ASN B 252 -6.26 -28.81 5.00
CA ASN B 252 -7.63 -28.75 5.49
C ASN B 252 -8.55 -29.70 4.74
N ARG B 253 -9.65 -30.07 5.38
CA ARG B 253 -10.63 -31.02 4.84
C ARG B 253 -10.02 -32.38 4.48
N MET B 254 -9.05 -32.81 5.29
CA MET B 254 -8.36 -34.08 5.07
C MET B 254 -9.30 -35.27 5.33
N PRO B 255 -9.14 -36.38 4.58
CA PRO B 255 -10.04 -37.54 4.72
C PRO B 255 -9.95 -38.13 6.13
N LYS B 256 -8.71 -38.22 6.62
CA LYS B 256 -8.36 -38.64 7.96
C LYS B 256 -6.87 -38.35 8.15
MG MG C . 8.71 17.51 -17.56
PB ADP D . 7.71 20.69 -17.85
O1B ADP D . 7.78 20.51 -19.33
O2B ADP D . 6.40 21.28 -17.38
O3B ADP D . 8.16 19.50 -17.03
PA ADP D . 10.29 21.81 -17.01
O1A ADP D . 11.08 20.85 -17.86
O2A ADP D . 10.35 21.71 -15.51
O3A ADP D . 8.76 21.89 -17.52
O5' ADP D . 10.78 23.32 -17.30
C5' ADP D . 11.06 23.72 -18.65
C4' ADP D . 12.30 24.59 -18.64
O4' ADP D . 12.01 25.80 -17.92
C3' ADP D . 13.49 23.93 -17.94
O3' ADP D . 14.67 24.22 -18.68
C2' ADP D . 13.55 24.59 -16.58
O2' ADP D . 14.89 24.70 -16.07
C1' ADP D . 12.95 25.95 -16.86
N9 ADP D . 12.23 26.51 -15.70
C8 ADP D . 11.26 25.93 -14.95
N7 ADP D . 10.86 26.77 -13.97
C5 ADP D . 11.57 27.90 -14.08
C6 ADP D . 11.65 29.20 -13.38
N6 ADP D . 10.86 29.46 -12.32
N1 ADP D . 12.54 30.12 -13.84
C2 ADP D . 13.34 29.88 -14.90
N3 ADP D . 13.33 28.72 -15.59
C4 ADP D . 12.47 27.72 -15.23
MG MG E . -12.64 -16.21 4.61
PB ADP F . -12.14 -19.26 3.24
O1B ADP F . -13.01 -18.83 2.09
O2B ADP F . -10.82 -19.82 2.80
O3B ADP F . -12.01 -18.22 4.34
PA ADP F . -13.87 -20.66 5.18
O1A ADP F . -14.95 -19.61 5.09
O2A ADP F . -13.04 -20.82 6.44
O3A ADP F . -12.90 -20.54 3.89
O5' ADP F . -14.51 -22.12 4.90
C5' ADP F . -15.53 -22.25 3.90
C4' ADP F . -16.61 -23.21 4.38
O4' ADP F . -16.01 -24.49 4.61
C3' ADP F . -17.22 -22.75 5.71
O3' ADP F . -18.64 -22.99 5.70
C2' ADP F . -16.54 -23.61 6.76
O2' ADP F . -17.40 -23.88 7.86
C1' ADP F . -16.21 -24.88 5.98
N9 ADP F . -15.01 -25.60 6.44
C8 ADP F . -13.75 -25.13 6.61
N7 ADP F . -12.93 -26.10 7.03
C5 ADP F . -13.66 -27.23 7.14
C6 ADP F . -13.39 -28.63 7.53
N6 ADP F . -12.16 -29.03 7.91
N1 ADP F . -14.46 -29.50 7.49
C2 ADP F . -15.69 -29.12 7.11
N3 ADP F . -15.99 -27.85 6.75
C4 ADP F . -15.03 -26.89 6.74
#